data_4RG2
#
_entry.id   4RG2
#
_cell.length_a   73.548
_cell.length_b   100.458
_cell.length_c   83.348
_cell.angle_alpha   90.000
_cell.angle_beta   90.000
_cell.angle_gamma   90.000
#
_symmetry.space_group_name_H-M   'C 2 2 21'
#
loop_
_entity.id
_entity.type
_entity.pdbx_description
1 polymer 'Tumor suppressor p53-binding protein 1'
2 non-polymer 3-bromo-N-[3-(tert-butylamino)propyl]benzamide
3 non-polymer 1,2-ETHANEDIOL
4 non-polymer 'UNKNOWN ATOM OR ION'
5 water water
#
_entity_poly.entity_id   1
_entity_poly.type   'polypeptide(L)'
_entity_poly.pdbx_seq_one_letter_code
;GGNSFVGLRVVAKWSSNGYFYSGKITRDVGAGKYKLLFDDGYECDVLGKDILLCDPIPLDTEVTALSEDEYFSAGVVKGH
RKESGELYYSIEKEGQRKWYKRMAVILSLEQGNRLREQYGLGPYE
;
_entity_poly.pdbx_strand_id   A,B
#
loop_
_chem_comp.id
_chem_comp.type
_chem_comp.name
_chem_comp.formula
3OO non-polymer 3-bromo-N-[3-(tert-butylamino)propyl]benzamide 'C14 H21 Br N2 O'
EDO non-polymer 1,2-ETHANEDIOL 'C2 H6 O2'
UNX non-polymer 'UNKNOWN ATOM OR ION' ?
#
# COMPACT_ATOMS: atom_id res chain seq x y z
N SER A 4 -22.68 -13.52 -7.52
N SER A 4 -20.16 -13.52 -8.73
CA SER A 4 -21.25 -13.81 -7.26
CA SER A 4 -21.14 -13.49 -7.60
C SER A 4 -20.60 -12.69 -6.46
C SER A 4 -20.60 -12.64 -6.44
N PHE A 5 -19.39 -12.96 -5.98
CA PHE A 5 -18.64 -12.03 -5.11
C PHE A 5 -17.76 -11.11 -5.94
N VAL A 6 -17.68 -11.36 -7.25
CA VAL A 6 -16.87 -10.52 -8.13
C VAL A 6 -17.36 -9.08 -8.14
N GLY A 7 -16.43 -8.17 -7.93
CA GLY A 7 -16.67 -6.73 -7.91
C GLY A 7 -16.81 -6.14 -6.52
N LEU A 8 -16.90 -6.98 -5.51
CA LEU A 8 -17.02 -6.53 -4.13
C LEU A 8 -15.67 -6.06 -3.61
N ARG A 9 -15.69 -4.97 -2.84
CA ARG A 9 -14.52 -4.59 -2.05
C ARG A 9 -14.47 -5.37 -0.75
N VAL A 10 -13.23 -5.71 -0.38
CA VAL A 10 -12.95 -6.61 0.70
C VAL A 10 -11.63 -6.22 1.36
N VAL A 11 -11.32 -6.84 2.49
N VAL A 11 -11.31 -6.94 2.43
CA VAL A 11 -9.93 -6.89 2.94
CA VAL A 11 -9.98 -6.90 3.03
C VAL A 11 -9.52 -8.35 2.82
C VAL A 11 -9.43 -8.34 3.07
N ALA A 12 -8.26 -8.56 2.46
CA ALA A 12 -7.78 -9.89 2.12
C ALA A 12 -6.35 -10.09 2.54
N LYS A 13 -6.02 -11.29 2.96
N LYS A 13 -6.11 -11.28 3.09
CA LYS A 13 -4.64 -11.67 3.28
CA LYS A 13 -4.91 -11.58 3.84
C LYS A 13 -4.06 -12.43 2.07
C LYS A 13 -3.74 -11.82 2.92
N TRP A 14 -2.88 -12.02 1.59
N TRP A 14 -2.61 -11.29 3.36
CA TRP A 14 -2.25 -12.66 0.44
CA TRP A 14 -1.35 -11.44 2.70
C TRP A 14 -0.97 -13.46 0.74
C TRP A 14 -0.61 -12.58 3.40
N SER A 15 -0.29 -13.15 1.85
N SER A 15 -0.46 -13.71 2.71
CA SER A 15 1.01 -13.75 2.21
CA SER A 15 -0.01 -14.94 3.34
C SER A 15 1.03 -14.35 3.62
C SER A 15 1.45 -14.90 3.81
N SER A 16 2.16 -14.94 3.98
N SER A 16 2.14 -13.79 3.56
CA SER A 16 2.32 -15.59 5.29
CA SER A 16 3.55 -13.67 3.93
C SER A 16 2.38 -14.59 6.46
C SER A 16 3.76 -12.93 5.26
N ASN A 17 2.79 -13.34 6.17
N ASN A 17 2.77 -12.13 5.66
CA ASN A 17 2.81 -12.24 7.17
CA ASN A 17 2.73 -11.60 7.03
C ASN A 17 1.49 -12.14 7.90
C ASN A 17 1.43 -11.86 7.82
N GLY A 18 0.43 -12.47 7.18
CA GLY A 18 -0.87 -12.63 7.79
C GLY A 18 -1.75 -11.38 7.88
N TYR A 19 -1.31 -10.24 7.37
CA TYR A 19 -2.20 -9.03 7.46
C TYR A 19 -3.17 -8.98 6.31
N PHE A 20 -4.35 -8.39 6.59
CA PHE A 20 -5.42 -8.20 5.61
C PHE A 20 -5.35 -6.78 5.10
N TYR A 21 -5.33 -6.64 3.77
CA TYR A 21 -5.23 -5.36 3.09
C TYR A 21 -6.45 -5.08 2.22
N SER A 22 -6.77 -3.81 2.03
CA SER A 22 -7.89 -3.39 1.20
C SER A 22 -7.69 -3.78 -0.27
N GLY A 23 -8.71 -4.41 -0.85
CA GLY A 23 -8.70 -4.75 -2.29
C GLY A 23 -10.09 -5.02 -2.80
N LYS A 24 -10.17 -5.70 -3.93
N LYS A 24 -10.14 -5.65 -3.97
CA LYS A 24 -11.44 -5.94 -4.58
CA LYS A 24 -11.37 -5.86 -4.74
C LYS A 24 -11.32 -7.24 -5.35
C LYS A 24 -11.26 -7.30 -5.28
N ILE A 25 -12.36 -8.07 -5.24
CA ILE A 25 -12.42 -9.36 -5.92
C ILE A 25 -12.69 -9.07 -7.40
N THR A 26 -11.80 -9.53 -8.26
CA THR A 26 -11.93 -9.21 -9.68
C THR A 26 -12.30 -10.40 -10.54
N ARG A 27 -12.12 -11.60 -10.02
CA ARG A 27 -12.45 -12.80 -10.81
C ARG A 27 -12.59 -14.00 -9.92
N ASP A 28 -13.53 -14.89 -10.25
N ASP A 28 -13.52 -14.89 -10.25
CA ASP A 28 -13.60 -16.21 -9.64
CA ASP A 28 -13.60 -16.18 -9.59
C ASP A 28 -12.68 -17.12 -10.42
C ASP A 28 -12.74 -17.18 -10.38
N VAL A 29 -11.68 -17.66 -9.76
CA VAL A 29 -10.65 -18.51 -10.43
C VAL A 29 -10.70 -19.96 -9.95
N GLY A 30 -11.86 -20.36 -9.44
CA GLY A 30 -12.07 -21.72 -8.98
C GLY A 30 -11.18 -22.24 -7.87
N ALA A 31 -11.49 -23.48 -7.45
CA ALA A 31 -10.74 -24.16 -6.39
C ALA A 31 -10.72 -23.35 -5.08
N GLY A 32 -11.84 -22.69 -4.76
CA GLY A 32 -11.97 -21.88 -3.53
C GLY A 32 -11.20 -20.56 -3.53
N LYS A 33 -10.86 -20.07 -4.72
CA LYS A 33 -9.91 -18.98 -4.89
C LYS A 33 -10.50 -17.83 -5.72
N TYR A 34 -10.03 -16.62 -5.42
CA TYR A 34 -10.46 -15.43 -6.09
C TYR A 34 -9.24 -14.63 -6.51
N LYS A 35 -9.31 -14.01 -7.66
CA LYS A 35 -8.31 -13.03 -8.03
C LYS A 35 -8.66 -11.73 -7.29
N LEU A 36 -7.63 -11.15 -6.66
CA LEU A 36 -7.75 -10.01 -5.76
C LEU A 36 -6.84 -8.87 -6.26
N LEU A 37 -7.42 -7.73 -6.58
CA LEU A 37 -6.68 -6.55 -6.95
C LEU A 37 -6.60 -5.70 -5.68
N PHE A 38 -5.41 -5.64 -5.09
CA PHE A 38 -5.18 -4.76 -3.92
C PHE A 38 -5.17 -3.31 -4.38
N ASP A 39 -5.45 -2.41 -3.44
CA ASP A 39 -5.54 -1.00 -3.78
C ASP A 39 -4.21 -0.41 -4.30
N ASP A 40 -3.09 -1.08 -4.03
CA ASP A 40 -1.81 -0.60 -4.58
C ASP A 40 -1.61 -1.05 -6.02
N GLY A 41 -2.57 -1.79 -6.57
CA GLY A 41 -2.46 -2.30 -7.95
C GLY A 41 -1.84 -3.66 -8.12
N TYR A 42 -1.37 -4.26 -7.04
CA TYR A 42 -0.90 -5.62 -7.09
C TYR A 42 -2.07 -6.58 -7.14
N GLU A 43 -2.06 -7.50 -8.10
CA GLU A 43 -3.11 -8.49 -8.27
C GLU A 43 -2.58 -9.89 -8.16
N CYS A 44 -3.26 -10.71 -7.36
CA CYS A 44 -2.92 -12.11 -7.22
C CYS A 44 -4.10 -12.94 -6.76
N ASP A 45 -3.95 -14.25 -6.75
CA ASP A 45 -5.00 -15.12 -6.30
C ASP A 45 -4.90 -15.37 -4.80
N VAL A 46 -6.04 -15.32 -4.12
N VAL A 46 -6.07 -15.39 -4.16
CA VAL A 46 -6.11 -15.57 -2.70
CA VAL A 46 -6.18 -15.52 -2.72
C VAL A 46 -7.21 -16.58 -2.43
C VAL A 46 -7.31 -16.50 -2.37
N LEU A 47 -7.14 -17.24 -1.27
CA LEU A 47 -8.17 -18.17 -0.85
C LEU A 47 -9.38 -17.43 -0.28
N GLY A 48 -10.57 -17.96 -0.52
CA GLY A 48 -11.78 -17.41 0.06
C GLY A 48 -11.72 -17.31 1.58
N LYS A 49 -11.06 -18.26 2.24
CA LYS A 49 -10.91 -18.23 3.70
C LYS A 49 -10.11 -17.03 4.20
N ASP A 50 -9.33 -16.41 3.32
CA ASP A 50 -8.50 -15.28 3.69
C ASP A 50 -9.11 -13.94 3.27
N ILE A 51 -10.38 -13.93 2.91
CA ILE A 51 -11.10 -12.72 2.48
C ILE A 51 -12.19 -12.35 3.47
N LEU A 52 -12.21 -11.07 3.90
CA LEU A 52 -13.31 -10.57 4.71
C LEU A 52 -14.14 -9.62 3.88
N LEU A 53 -15.45 -9.87 3.82
CA LEU A 53 -16.37 -9.07 3.01
C LEU A 53 -16.81 -7.79 3.72
N CYS A 54 -15.84 -7.00 4.18
CA CYS A 54 -16.08 -5.69 4.79
C CYS A 54 -15.94 -4.58 3.80
N ASP A 55 -17.00 -3.84 3.57
CA ASP A 55 -16.89 -2.59 2.82
C ASP A 55 -17.98 -1.65 3.29
N PRO A 56 -17.70 -0.79 4.28
CA PRO A 56 -16.43 -0.60 4.96
C PRO A 56 -16.20 -1.53 6.14
N ILE A 57 -14.98 -1.51 6.68
CA ILE A 57 -14.72 -2.13 7.97
C ILE A 57 -15.67 -1.47 8.99
N PRO A 58 -16.35 -2.28 9.84
CA PRO A 58 -17.39 -1.67 10.66
C PRO A 58 -16.90 -0.73 11.75
N LEU A 59 -17.77 0.18 12.14
CA LEU A 59 -17.52 0.97 13.35
C LEU A 59 -17.20 0.06 14.53
N ASP A 60 -16.30 0.55 15.39
CA ASP A 60 -15.83 -0.12 16.61
C ASP A 60 -14.86 -1.29 16.39
N THR A 61 -14.45 -1.51 15.15
CA THR A 61 -13.44 -2.53 14.85
C THR A 61 -12.05 -2.02 15.25
N GLU A 62 -11.29 -2.89 15.90
CA GLU A 62 -9.87 -2.61 16.11
C GLU A 62 -9.10 -2.93 14.82
N VAL A 63 -8.32 -1.94 14.35
CA VAL A 63 -7.56 -2.01 13.11
C VAL A 63 -6.13 -1.54 13.31
N THR A 64 -5.34 -1.64 12.25
CA THR A 64 -4.00 -1.09 12.22
C THR A 64 -4.01 0.00 11.16
N ALA A 65 -3.55 1.20 11.50
CA ALA A 65 -3.63 2.38 10.65
C ALA A 65 -2.22 2.78 10.22
N LEU A 66 -1.93 2.59 8.94
CA LEU A 66 -0.60 2.93 8.39
C LEU A 66 -0.42 4.43 8.22
N SER A 67 0.78 4.91 8.59
CA SER A 67 1.25 6.23 8.20
C SER A 67 2.76 6.16 8.18
N GLU A 68 3.41 7.27 7.81
CA GLU A 68 4.84 7.21 7.56
C GLU A 68 5.61 6.75 8.82
N ASP A 69 6.33 5.65 8.67
CA ASP A 69 7.16 5.03 9.70
C ASP A 69 6.38 4.30 10.80
N GLU A 70 5.07 4.12 10.60
CA GLU A 70 4.21 3.45 11.58
C GLU A 70 3.60 2.21 10.94
N TYR A 71 4.00 1.05 11.45
CA TYR A 71 3.65 -0.24 10.86
C TYR A 71 2.71 -1.09 11.73
N PHE A 72 2.52 -0.71 12.99
CA PHE A 72 1.76 -1.51 13.97
C PHE A 72 0.84 -0.64 14.82
N SER A 73 0.42 0.51 14.30
CA SER A 73 -0.37 1.44 15.09
C SER A 73 -1.82 1.01 15.18
N ALA A 74 -2.20 0.47 16.32
CA ALA A 74 -3.58 0.01 16.51
C ALA A 74 -4.49 1.17 16.81
N GLY A 75 -5.76 1.07 16.38
CA GLY A 75 -6.73 2.09 16.71
C GLY A 75 -8.09 1.51 16.48
N VAL A 76 -9.12 2.31 16.74
CA VAL A 76 -10.49 1.83 16.62
C VAL A 76 -11.25 2.71 15.64
N VAL A 77 -11.97 2.06 14.73
CA VAL A 77 -12.81 2.79 13.79
C VAL A 77 -13.98 3.49 14.50
N LYS A 78 -14.01 4.81 14.39
CA LYS A 78 -15.09 5.60 15.01
C LYS A 78 -15.84 6.41 14.00
N GLY A 79 -15.48 6.35 12.73
CA GLY A 79 -16.20 7.06 11.72
C GLY A 79 -15.85 6.62 10.32
N HIS A 80 -16.77 6.91 9.40
CA HIS A 80 -16.58 6.70 7.95
C HIS A 80 -17.01 7.98 7.24
N ARG A 81 -16.34 8.32 6.14
CA ARG A 81 -16.70 9.47 5.33
CA ARG A 81 -16.70 9.48 5.32
C ARG A 81 -16.42 9.13 3.88
N LYS A 82 -17.40 9.35 3.02
CA LYS A 82 -17.18 9.25 1.57
C LYS A 82 -17.01 10.67 1.04
N GLU A 83 -15.92 10.92 0.31
CA GLU A 83 -15.65 12.23 -0.25
C GLU A 83 -14.98 12.06 -1.61
N SER A 84 -15.58 12.64 -2.65
CA SER A 84 -14.99 12.61 -4.00
C SER A 84 -14.67 11.19 -4.46
N GLY A 85 -15.61 10.26 -4.22
CA GLY A 85 -15.45 8.88 -4.67
C GLY A 85 -14.44 8.09 -3.83
N GLU A 86 -14.07 8.61 -2.66
CA GLU A 86 -13.10 7.90 -1.81
C GLU A 86 -13.60 7.75 -0.38
N LEU A 87 -13.35 6.58 0.18
CA LEU A 87 -13.65 6.30 1.59
C LEU A 87 -12.48 6.70 2.49
N TYR A 88 -12.83 7.40 3.57
CA TYR A 88 -11.91 7.71 4.67
C TYR A 88 -12.45 7.09 5.96
N TYR A 89 -11.53 6.61 6.80
CA TYR A 89 -11.83 6.11 8.12
C TYR A 89 -11.37 7.15 9.15
N SER A 90 -12.21 7.38 10.15
CA SER A 90 -11.79 8.12 11.36
C SER A 90 -11.35 7.11 12.39
N ILE A 91 -10.07 7.15 12.76
CA ILE A 91 -9.51 6.13 13.64
C ILE A 91 -9.11 6.78 14.98
N GLU A 92 -9.57 6.19 16.06
CA GLU A 92 -9.27 6.70 17.40
C GLU A 92 -8.15 5.92 18.02
N LYS A 93 -7.20 6.68 18.59
CA LYS A 93 -6.12 6.10 19.35
CA LYS A 93 -6.08 6.12 19.32
C LYS A 93 -5.75 7.12 20.43
N GLU A 94 -5.73 6.64 21.68
CA GLU A 94 -5.40 7.50 22.84
C GLU A 94 -6.19 8.80 22.89
N GLY A 95 -7.50 8.68 22.69
CA GLY A 95 -8.42 9.79 22.82
C GLY A 95 -8.37 10.85 21.73
N GLN A 96 -7.70 10.52 20.61
N GLN A 96 -7.68 10.57 20.63
CA GLN A 96 -7.53 11.45 19.51
CA GLN A 96 -7.66 11.47 19.51
C GLN A 96 -7.91 10.72 18.22
C GLN A 96 -8.10 10.68 18.31
N ARG A 97 -8.63 11.41 17.33
CA ARG A 97 -9.06 10.82 16.04
C ARG A 97 -8.30 11.44 14.90
N LYS A 98 -7.93 10.60 13.93
CA LYS A 98 -7.28 11.05 12.72
C LYS A 98 -7.91 10.32 11.54
N TRP A 99 -7.90 11.00 10.40
CA TRP A 99 -8.44 10.45 9.17
C TRP A 99 -7.38 9.66 8.40
N TYR A 100 -7.81 8.50 7.91
CA TYR A 100 -6.99 7.63 7.08
C TYR A 100 -7.74 7.25 5.84
N LYS A 101 -7.08 7.30 4.70
CA LYS A 101 -7.67 6.74 3.49
C LYS A 101 -7.85 5.25 3.61
N ARG A 102 -8.82 4.71 2.88
CA ARG A 102 -9.07 3.29 2.90
C ARG A 102 -7.84 2.39 2.81
N MET A 103 -6.95 2.68 1.85
N MET A 103 -6.97 2.70 1.84
CA MET A 103 -5.80 1.82 1.62
CA MET A 103 -5.77 1.92 1.60
C MET A 103 -4.83 1.79 2.79
C MET A 103 -4.88 1.76 2.82
N ALA A 104 -4.90 2.77 3.71
CA ALA A 104 -4.02 2.79 4.85
C ALA A 104 -4.53 1.99 6.04
N VAL A 105 -5.75 1.45 5.97
CA VAL A 105 -6.31 0.73 7.10
C VAL A 105 -6.25 -0.77 6.84
N ILE A 106 -5.51 -1.48 7.69
CA ILE A 106 -5.24 -2.90 7.52
C ILE A 106 -5.58 -3.64 8.82
N LEU A 107 -5.60 -4.96 8.76
CA LEU A 107 -5.90 -5.79 9.94
C LEU A 107 -4.83 -6.86 10.13
N SER A 108 -4.34 -6.97 11.35
CA SER A 108 -3.47 -8.09 11.72
C SER A 108 -4.29 -9.38 11.67
N LEU A 109 -3.61 -10.52 11.76
CA LEU A 109 -4.35 -11.78 11.77
C LEU A 109 -5.35 -11.80 12.93
N GLU A 110 -4.92 -11.38 14.11
CA GLU A 110 -5.81 -11.34 15.27
C GLU A 110 -6.99 -10.38 15.04
N GLN A 111 -6.70 -9.20 14.50
CA GLN A 111 -7.77 -8.25 14.23
C GLN A 111 -8.78 -8.77 13.21
N GLY A 112 -8.29 -9.42 12.17
CA GLY A 112 -9.15 -9.94 11.12
C GLY A 112 -9.97 -11.12 11.61
N ASN A 113 -9.38 -11.94 12.47
CA ASN A 113 -10.12 -13.06 13.07
C ASN A 113 -11.37 -12.63 13.83
N ARG A 114 -11.36 -11.45 14.44
CA ARG A 114 -12.55 -10.92 15.11
C ARG A 114 -13.72 -10.69 14.16
N LEU A 115 -13.45 -10.50 12.88
CA LEU A 115 -14.50 -10.30 11.89
C LEU A 115 -14.87 -11.53 11.08
N ARG A 116 -14.15 -12.64 11.26
CA ARG A 116 -14.27 -13.78 10.36
C ARG A 116 -15.66 -14.42 10.45
N GLU A 117 -16.18 -14.57 11.66
CA GLU A 117 -17.48 -15.23 11.82
C GLU A 117 -18.56 -14.52 11.01
N GLN A 118 -18.59 -13.18 11.11
CA GLN A 118 -19.61 -12.40 10.45
C GLN A 118 -19.33 -12.04 8.98
N TYR A 119 -18.06 -11.83 8.62
CA TYR A 119 -17.71 -11.33 7.28
C TYR A 119 -16.86 -12.26 6.41
N GLY A 120 -16.38 -13.36 6.97
CA GLY A 120 -15.51 -14.27 6.24
C GLY A 120 -16.22 -14.84 5.03
N LEU A 121 -15.53 -14.85 3.90
CA LEU A 121 -16.09 -15.40 2.68
C LEU A 121 -16.09 -16.93 2.80
N GLY A 122 -14.96 -17.51 3.21
CA GLY A 122 -14.85 -18.95 3.45
C GLY A 122 -14.60 -19.74 2.18
N GLY B 1 32.48 1.95 9.40
CA GLY B 1 31.95 0.90 8.49
C GLY B 1 30.45 1.05 8.24
N GLY B 2 29.93 0.16 7.41
CA GLY B 2 28.50 0.09 7.21
C GLY B 2 28.14 0.51 5.80
N ASN B 3 27.17 -0.20 5.25
CA ASN B 3 26.59 0.14 3.96
C ASN B 3 25.87 1.49 4.09
N SER B 4 26.15 2.39 3.14
CA SER B 4 25.75 3.79 3.23
C SER B 4 24.23 3.96 3.11
N PHE B 5 23.55 2.96 2.56
CA PHE B 5 22.11 3.13 2.21
C PHE B 5 21.19 2.55 3.27
N VAL B 6 21.76 1.92 4.28
CA VAL B 6 20.94 1.32 5.32
C VAL B 6 20.17 2.43 6.07
N GLY B 7 18.84 2.23 6.20
CA GLY B 7 17.96 3.19 6.83
C GLY B 7 17.38 4.27 5.93
N LEU B 8 17.82 4.34 4.68
CA LEU B 8 17.32 5.35 3.77
C LEU B 8 16.01 4.94 3.11
N ARG B 9 15.18 5.94 2.84
CA ARG B 9 13.96 5.71 2.06
C ARG B 9 14.25 5.69 0.56
N VAL B 10 13.49 4.83 -0.11
CA VAL B 10 13.69 4.52 -1.50
C VAL B 10 12.33 4.24 -2.14
N VAL B 11 12.36 3.99 -3.44
N VAL B 11 12.29 4.13 -3.46
CA VAL B 11 11.23 3.46 -4.16
CA VAL B 11 11.21 3.38 -4.07
C VAL B 11 11.73 2.21 -4.89
C VAL B 11 11.84 2.15 -4.65
N ALA B 12 11.10 1.07 -4.60
CA ALA B 12 11.66 -0.23 -4.97
C ALA B 12 10.69 -1.12 -5.72
N LYS B 13 11.23 -1.84 -6.71
N LYS B 13 11.22 -1.90 -6.66
CA LYS B 13 10.41 -2.60 -7.67
CA LYS B 13 10.48 -2.93 -7.35
C LYS B 13 9.84 -3.87 -7.09
C LYS B 13 10.70 -4.25 -6.63
N TRP B 14 8.56 -4.08 -7.41
N TRP B 14 9.64 -4.90 -6.14
CA TRP B 14 7.84 -5.30 -7.11
CA TRP B 14 9.80 -6.20 -5.50
C TRP B 14 7.83 -6.14 -8.37
C TRP B 14 9.27 -7.37 -6.33
N SER B 15 8.46 -7.31 -8.32
N SER B 15 8.45 -7.09 -7.34
CA SER B 15 8.73 -8.10 -9.53
CA SER B 15 7.85 -8.17 -8.13
C SER B 15 7.47 -8.50 -10.28
C SER B 15 8.02 -7.98 -9.64
N SER B 16 6.43 -8.90 -9.54
N SER B 16 7.62 -8.99 -10.40
CA SER B 16 5.18 -9.39 -10.12
CA SER B 16 7.74 -8.96 -11.86
C SER B 16 4.54 -8.42 -11.12
C SER B 16 6.72 -8.01 -12.50
N ASN B 17 4.66 -7.11 -10.88
N ASN B 17 5.67 -7.67 -11.76
CA ASN B 17 4.14 -6.09 -11.81
CA ASN B 17 4.66 -6.70 -12.22
C ASN B 17 5.15 -5.07 -12.39
C ASN B 17 5.29 -5.36 -12.58
N GLY B 18 6.41 -5.08 -11.93
CA GLY B 18 7.36 -4.08 -12.39
C GLY B 18 7.17 -2.66 -11.85
N TYR B 19 6.24 -2.46 -10.91
CA TYR B 19 6.03 -1.13 -10.32
C TYR B 19 6.92 -0.93 -9.11
N PHE B 20 7.34 0.32 -8.91
CA PHE B 20 8.20 0.73 -7.81
C PHE B 20 7.32 1.37 -6.74
N TYR B 21 7.46 0.88 -5.50
CA TYR B 21 6.67 1.30 -4.35
C TYR B 21 7.55 1.92 -3.27
N SER B 22 7.00 2.88 -2.54
CA SER B 22 7.70 3.50 -1.42
C SER B 22 8.04 2.49 -0.33
N GLY B 23 9.30 2.56 0.10
CA GLY B 23 9.78 1.75 1.20
C GLY B 23 11.07 2.27 1.78
N LYS B 24 11.72 1.44 2.58
CA LYS B 24 12.99 1.82 3.21
CA LYS B 24 12.96 1.81 3.28
C LYS B 24 13.88 0.60 3.28
N ILE B 25 15.16 0.83 3.21
CA ILE B 25 16.14 -0.23 3.34
C ILE B 25 16.42 -0.47 4.81
N THR B 26 16.15 -1.69 5.27
CA THR B 26 16.34 -2.01 6.68
C THR B 26 17.73 -2.57 6.90
N ARG B 27 18.28 -3.25 5.88
CA ARG B 27 19.68 -3.66 5.92
C ARG B 27 20.18 -4.12 4.57
N ASP B 28 21.50 -4.19 4.46
CA ASP B 28 22.10 -4.91 3.32
C ASP B 28 22.15 -6.39 3.65
N VAL B 29 21.92 -7.23 2.65
CA VAL B 29 21.96 -8.67 2.86
C VAL B 29 22.94 -9.39 1.93
N GLY B 30 23.87 -8.66 1.34
CA GLY B 30 24.93 -9.27 0.52
C GLY B 30 24.43 -9.65 -0.87
N ALA B 31 25.37 -10.07 -1.72
CA ALA B 31 25.09 -10.48 -3.10
C ALA B 31 24.31 -9.40 -3.86
N GLY B 32 24.64 -8.13 -3.60
CA GLY B 32 23.96 -6.99 -4.21
C GLY B 32 22.50 -6.76 -3.86
N LYS B 33 22.00 -7.46 -2.82
CA LYS B 33 20.60 -7.39 -2.40
C LYS B 33 20.45 -6.61 -1.09
N TYR B 34 19.23 -6.13 -0.87
CA TYR B 34 18.89 -5.34 0.31
C TYR B 34 17.56 -5.85 0.85
N LYS B 35 17.39 -5.77 2.18
CA LYS B 35 16.11 -6.05 2.79
C LYS B 35 15.29 -4.78 2.75
N LEU B 36 14.11 -4.88 2.14
CA LEU B 36 13.25 -3.72 1.86
C LEU B 36 11.99 -3.82 2.71
N LEU B 37 11.68 -2.78 3.47
CA LEU B 37 10.42 -2.68 4.21
C LEU B 37 9.52 -1.70 3.45
N PHE B 38 8.47 -2.22 2.81
CA PHE B 38 7.56 -1.37 2.07
C PHE B 38 6.66 -0.65 3.07
N ASP B 39 6.07 0.46 2.64
CA ASP B 39 5.26 1.28 3.52
C ASP B 39 4.00 0.56 4.04
N ASP B 40 3.59 -0.54 3.41
CA ASP B 40 2.46 -1.35 3.93
C ASP B 40 2.89 -2.37 4.96
N GLY B 41 4.19 -2.39 5.28
CA GLY B 41 4.68 -3.32 6.28
C GLY B 41 5.22 -4.63 5.74
N TYR B 42 5.12 -4.86 4.43
CA TYR B 42 5.68 -6.06 3.83
C TYR B 42 7.19 -5.90 3.67
N GLU B 43 7.90 -6.95 4.01
CA GLU B 43 9.37 -6.97 3.94
C GLU B 43 9.85 -8.12 3.06
N CYS B 44 10.82 -7.83 2.20
CA CYS B 44 11.44 -8.88 1.41
C CYS B 44 12.75 -8.37 0.84
N ASP B 45 13.52 -9.28 0.24
CA ASP B 45 14.81 -8.94 -0.31
C ASP B 45 14.61 -8.41 -1.71
N VAL B 46 15.36 -7.39 -2.07
CA VAL B 46 15.27 -6.76 -3.37
C VAL B 46 16.68 -6.49 -3.92
N LEU B 47 16.91 -6.78 -5.20
CA LEU B 47 18.18 -6.42 -5.85
C LEU B 47 18.39 -4.92 -5.91
N GLY B 48 19.64 -4.50 -5.72
CA GLY B 48 20.00 -3.10 -5.81
C GLY B 48 19.54 -2.45 -7.10
N LYS B 49 19.63 -3.17 -8.21
CA LYS B 49 19.25 -2.62 -9.50
C LYS B 49 17.76 -2.24 -9.55
N ASP B 50 16.96 -2.84 -8.67
CA ASP B 50 15.52 -2.56 -8.59
C ASP B 50 15.15 -1.53 -7.51
N ILE B 51 16.13 -0.75 -7.05
CA ILE B 51 15.93 0.23 -6.00
C ILE B 51 16.34 1.60 -6.51
N LEU B 52 15.47 2.60 -6.30
CA LEU B 52 15.78 3.98 -6.64
C LEU B 52 15.93 4.79 -5.34
N LEU B 53 17.11 5.40 -5.16
CA LEU B 53 17.39 6.18 -3.95
CA LEU B 53 17.41 6.20 -3.97
C LEU B 53 16.81 7.59 -4.05
N CYS B 54 15.48 7.67 -4.09
CA CYS B 54 14.72 8.91 -4.17
C CYS B 54 13.99 9.13 -2.87
N ASP B 55 14.32 10.20 -2.17
CA ASP B 55 13.58 10.65 -0.98
C ASP B 55 13.79 12.16 -0.84
N PRO B 56 12.92 12.98 -1.45
CA PRO B 56 11.71 12.55 -2.19
C PRO B 56 11.94 12.31 -3.67
N ILE B 57 10.93 11.76 -4.33
CA ILE B 57 10.90 11.68 -5.80
C ILE B 57 11.00 13.13 -6.32
N PRO B 58 11.88 13.36 -7.32
CA PRO B 58 12.16 14.74 -7.75
C PRO B 58 11.01 15.48 -8.42
N LEU B 59 11.05 16.81 -8.30
CA LEU B 59 10.18 17.69 -9.07
C LEU B 59 10.21 17.32 -10.55
N ASP B 60 9.07 17.48 -11.21
CA ASP B 60 8.89 17.16 -12.63
C ASP B 60 9.00 15.70 -13.01
N THR B 61 9.00 14.79 -12.04
CA THR B 61 8.96 13.37 -12.35
C THR B 61 7.55 12.95 -12.69
N GLU B 62 7.39 12.14 -13.74
CA GLU B 62 6.11 11.53 -14.05
C GLU B 62 5.97 10.29 -13.16
N VAL B 63 4.88 10.26 -12.42
CA VAL B 63 4.57 9.17 -11.46
C VAL B 63 3.17 8.63 -11.70
N THR B 64 2.80 7.59 -10.94
CA THR B 64 1.45 7.09 -10.91
C THR B 64 0.92 7.40 -9.50
N ALA B 65 -0.23 8.08 -9.42
CA ALA B 65 -0.79 8.54 -8.14
C ALA B 65 -2.03 7.72 -7.82
N LEU B 66 -1.93 6.90 -6.78
CA LEU B 66 -3.02 6.03 -6.39
C LEU B 66 -4.13 6.80 -5.67
N SER B 67 -5.37 6.48 -6.03
CA SER B 67 -6.54 6.92 -5.29
C SER B 67 -7.61 5.83 -5.46
N GLU B 68 -8.71 5.94 -4.73
CA GLU B 68 -9.65 4.83 -4.74
C GLU B 68 -10.17 4.58 -6.16
N ASP B 69 -10.08 3.32 -6.60
CA ASP B 69 -10.48 2.89 -7.92
C ASP B 69 -9.61 3.42 -9.06
N GLU B 70 -8.47 4.04 -8.74
CA GLU B 70 -7.53 4.50 -9.77
C GLU B 70 -6.18 3.81 -9.57
N TYR B 71 -5.77 3.02 -10.55
CA TYR B 71 -4.53 2.24 -10.45
C TYR B 71 -3.44 2.67 -11.44
N PHE B 72 -3.80 3.51 -12.42
CA PHE B 72 -2.88 3.89 -13.51
C PHE B 72 -2.89 5.37 -13.83
N SER B 73 -3.30 6.18 -12.87
CA SER B 73 -3.46 7.60 -13.10
CA SER B 73 -3.45 7.60 -13.11
C SER B 73 -2.09 8.30 -13.03
N ALA B 74 -1.60 8.76 -14.19
CA ALA B 74 -0.30 9.41 -14.28
C ALA B 74 -0.39 10.87 -13.94
N GLY B 75 0.68 11.38 -13.37
CA GLY B 75 0.73 12.81 -13.04
C GLY B 75 2.16 13.20 -12.90
N VAL B 76 2.39 14.47 -12.59
CA VAL B 76 3.73 14.99 -12.44
C VAL B 76 3.91 15.65 -11.10
N VAL B 77 5.04 15.35 -10.47
CA VAL B 77 5.40 15.95 -9.18
C VAL B 77 5.74 17.44 -9.34
N LYS B 78 4.99 18.30 -8.67
CA LYS B 78 5.21 19.75 -8.72
C LYS B 78 5.57 20.38 -7.37
N GLY B 79 5.56 19.59 -6.31
CA GLY B 79 5.93 20.10 -5.00
C GLY B 79 5.95 19.00 -3.97
N HIS B 80 6.51 19.35 -2.80
CA HIS B 80 6.63 18.46 -1.66
C HIS B 80 6.25 19.25 -0.42
N ARG B 81 5.71 18.55 0.57
CA ARG B 81 5.38 19.16 1.84
C ARG B 81 5.52 18.08 2.88
N LYS B 82 6.23 18.36 3.96
CA LYS B 82 6.30 17.46 5.11
C LYS B 82 5.56 18.09 6.27
N GLU B 83 4.63 17.34 6.87
CA GLU B 83 3.87 17.82 8.02
C GLU B 83 3.75 16.73 9.06
N SER B 84 4.23 16.99 10.27
CA SER B 84 4.10 16.06 11.39
C SER B 84 4.59 14.66 11.01
N GLY B 85 5.77 14.61 10.40
CA GLY B 85 6.44 13.34 10.11
C GLY B 85 5.99 12.67 8.80
N GLU B 86 5.11 13.32 8.04
CA GLU B 86 4.57 12.72 6.83
C GLU B 86 4.82 13.58 5.59
N LEU B 87 5.39 12.95 4.57
CA LEU B 87 5.64 13.59 3.28
C LEU B 87 4.38 13.49 2.40
N TYR B 88 4.06 14.61 1.75
CA TYR B 88 3.05 14.67 0.73
C TYR B 88 3.68 15.20 -0.55
N TYR B 89 3.19 14.68 -1.66
CA TYR B 89 3.53 15.12 -3.03
C TYR B 89 2.40 15.94 -3.63
N SER B 90 2.71 17.08 -4.26
CA SER B 90 1.71 17.82 -5.04
C SER B 90 1.78 17.27 -6.45
N ILE B 91 0.72 16.61 -6.89
CA ILE B 91 0.69 15.91 -8.16
C ILE B 91 -0.22 16.66 -9.14
N GLU B 92 0.35 17.09 -10.26
CA GLU B 92 -0.42 17.72 -11.32
C GLU B 92 -0.89 16.66 -12.29
N LYS B 93 -2.19 16.62 -12.54
CA LYS B 93 -2.73 15.84 -13.64
C LYS B 93 -3.81 16.64 -14.35
N GLU B 94 -3.50 17.03 -15.58
CA GLU B 94 -4.37 17.85 -16.43
C GLU B 94 -4.51 19.25 -15.80
N GLY B 95 -5.70 19.56 -15.29
CA GLY B 95 -5.98 20.89 -14.77
C GLY B 95 -6.11 21.02 -13.27
N GLN B 96 -5.72 19.98 -12.52
CA GLN B 96 -5.73 20.07 -11.06
C GLN B 96 -4.40 19.61 -10.46
N ARG B 97 -4.00 20.28 -9.38
CA ARG B 97 -2.94 19.75 -8.51
C ARG B 97 -3.62 19.30 -7.23
N LYS B 98 -3.24 18.12 -6.75
CA LYS B 98 -3.77 17.57 -5.49
C LYS B 98 -2.61 16.98 -4.70
N TRP B 99 -2.75 16.99 -3.39
CA TRP B 99 -1.76 16.42 -2.50
C TRP B 99 -2.03 14.92 -2.28
N TYR B 100 -0.98 14.11 -2.42
CA TYR B 100 -0.98 12.66 -2.17
C TYR B 100 0.03 12.32 -1.10
N LYS B 101 -0.34 11.42 -0.20
CA LYS B 101 0.61 10.88 0.76
C LYS B 101 1.69 10.09 0.02
N ARG B 102 2.89 10.07 0.60
CA ARG B 102 4.03 9.34 0.05
C ARG B 102 3.65 7.95 -0.47
N MET B 103 2.96 7.15 0.34
N MET B 103 2.92 7.20 0.36
CA MET B 103 2.79 5.75 -0.09
CA MET B 103 2.60 5.79 0.07
C MET B 103 1.80 5.59 -1.26
C MET B 103 1.77 5.59 -1.20
N ALA B 104 1.04 6.62 -1.59
CA ALA B 104 0.15 6.58 -2.75
C ALA B 104 0.89 6.87 -4.06
N VAL B 105 2.16 7.27 -4.00
CA VAL B 105 2.85 7.65 -5.25
C VAL B 105 3.79 6.51 -5.64
N ILE B 106 3.54 5.94 -6.81
CA ILE B 106 4.26 4.78 -7.29
C ILE B 106 4.80 5.08 -8.70
N LEU B 107 5.64 4.20 -9.19
CA LEU B 107 6.20 4.37 -10.56
C LEU B 107 6.05 3.11 -11.36
N SER B 108 5.52 3.22 -12.58
CA SER B 108 5.54 2.10 -13.50
C SER B 108 6.99 1.78 -13.85
N LEU B 109 7.20 0.62 -14.47
CA LEU B 109 8.55 0.25 -14.94
C LEU B 109 9.14 1.37 -15.81
N GLU B 110 8.35 1.87 -16.75
CA GLU B 110 8.83 2.94 -17.65
C GLU B 110 9.13 4.21 -16.88
N GLN B 111 8.27 4.56 -15.92
CA GLN B 111 8.50 5.77 -15.12
C GLN B 111 9.75 5.64 -14.26
N GLY B 112 9.92 4.48 -13.64
CA GLY B 112 11.08 4.24 -12.79
C GLY B 112 12.39 4.18 -13.56
N ASN B 113 12.34 3.60 -14.74
CA ASN B 113 13.53 3.57 -15.62
C ASN B 113 14.07 4.96 -16.00
N ARG B 114 13.20 5.97 -16.06
CA ARG B 114 13.66 7.35 -16.28
C ARG B 114 14.49 7.95 -15.14
N LEU B 115 14.44 7.33 -13.97
CA LEU B 115 15.23 7.77 -12.81
C LEU B 115 16.43 6.87 -12.53
N ARG B 116 16.54 5.75 -13.25
CA ARG B 116 17.53 4.71 -12.94
C ARG B 116 19.00 5.14 -13.01
N GLU B 117 19.36 5.92 -14.03
CA GLU B 117 20.75 6.33 -14.20
C GLU B 117 21.20 7.23 -13.05
N GLN B 118 20.37 8.20 -12.66
CA GLN B 118 20.72 9.15 -11.59
C GLN B 118 20.50 8.59 -10.16
N TYR B 119 19.45 7.78 -9.96
CA TYR B 119 19.07 7.36 -8.62
C TYR B 119 19.16 5.85 -8.33
N GLY B 120 19.38 5.03 -9.34
CA GLY B 120 19.40 3.57 -9.15
C GLY B 120 20.65 3.05 -8.46
N LEU B 121 20.49 2.02 -7.63
CA LEU B 121 21.64 1.23 -7.19
C LEU B 121 21.88 0.19 -8.30
BR 3OO C . 2.81 0.79 -0.40
BR 3OO C . -2.65 -1.49 0.00
C12 3OO C . 1.09 0.22 0.22
C12 3OO C . -1.14 -0.40 -0.45
C11 3OO C . 0.45 0.98 1.17
C11 3OO C . -1.34 0.88 -0.90
C10 3OO C . -0.78 0.54 1.66
C10 3OO C . -0.24 1.64 -1.27
C9 3OO C . -1.35 -0.63 1.19
C9 3OO C . 1.04 1.12 -1.19
C13 3OO C . 0.55 -0.96 -0.26
C13 3OO C . 0.13 -0.95 -0.35
C8 3OO C . -0.69 -1.39 0.22
C8 3OO C . 1.22 -0.19 -0.74
C7 3OO C . -1.34 -2.65 -0.26
C7 3OO C . 2.61 -0.78 -0.75
O 3OO C . -2.48 -2.64 -0.73
O 3OO C . 3.55 -0.23 -0.17
N1 3OO C . -0.63 -3.77 -0.05
N1 3OO C . 2.75 -1.90 -1.46
C6 3OO C . -1.08 -5.10 -0.44
C6 3OO C . 4.04 -2.51 -1.72
C5 3OO C . -0.37 -5.64 -1.67
C5 3OO C . 4.20 -3.82 -0.97
C4 3OO C . 1.14 -5.78 -1.57
C4 3OO C . 3.19 -4.90 -1.33
N 3OO C . 1.87 -4.51 -1.55
N 3OO C . 1.81 -4.63 -0.93
C1 3OO C . 3.28 -4.51 -2.09
C1 3OO C . 0.92 -5.80 -0.70
C3 3OO C . 4.09 -5.62 -1.42
C3 3OO C . 0.88 -6.60 -1.99
C2 3OO C . 3.30 -4.68 -3.60
C2 3OO C . 1.46 -6.69 0.43
C 3OO C . 3.87 -3.17 -1.71
C 3OO C . -0.48 -5.31 -0.35
C1 EDO D . 4.50 1.35 15.55
O1 EDO D . 3.38 1.50 14.68
C2 EDO D . 5.76 1.77 14.79
O2 EDO D . 5.94 1.01 13.59
C1 EDO E . -13.90 -11.71 -17.71
O1 EDO E . -15.01 -10.87 -17.40
C2 EDO E . -13.77 -12.72 -16.59
O2 EDO E . -13.08 -12.08 -15.51
UNK UNX F . -4.77 -1.88 -0.04
UNK UNX G . 3.06 -3.76 9.36
UNK UNX H . -1.59 -15.53 -7.76
UNK UNX I . -13.89 -1.63 20.06
UNK UNX J . -13.58 -18.17 6.78
UNK UNX K . -2.75 9.87 9.09
UNK UNX L . -20.27 0.00 10.81
C1 EDO M . 24.56 -4.92 -0.97
O1 EDO M . 24.12 -6.09 -0.26
C2 EDO M . 25.99 -5.15 -1.45
O2 EDO M . 26.30 -4.27 -2.53
UNK UNX N . 4.70 1.95 -0.02
UNK UNX O . -1.35 -0.35 -10.64
UNK UNX P . -7.25 2.65 -12.92
UNK UNX Q . -5.46 13.09 -2.80
UNK UNX R . -2.86 6.71 2.23
#